data_8CC1
#
_entry.id   8CC1
#
_cell.length_a   79.604
_cell.length_b   79.604
_cell.length_c   252.583
_cell.angle_alpha   90.000
_cell.angle_beta   90.000
_cell.angle_gamma   120.000
#
_symmetry.space_group_name_H-M   'P 65 2 2'
#
loop_
_entity.id
_entity.type
_entity.pdbx_description
1 polymer 'anti-cortisol (17) Fab (light chain)'
2 polymer 'anti-cortisol (17) Fab (heavy chain)'
3 non-polymer prednisolone
4 water water
#
loop_
_entity_poly.entity_id
_entity_poly.type
_entity_poly.pdbx_seq_one_letter_code
_entity_poly.pdbx_strand_id
1 'polypeptide(L)'
;DIELTQSPAVMSAFPGEEVTMTCSASSSINYMHWYQQKPGTSPKRWIYDTSKLASGVPARFSGSGSGTSYSLTISSMEAE
DAATYYCHQRSIFTFGSGTKLEIKRADAAPTVSIFPPSSEQLTSGGASVVCFLNNFYPKDINVKWKIDGSERQNGVLNSW
TDQDSKDSTYSMSSTLTLTKDEYERHNSYTCEATHKTSTSPIVKSFNRNEC
;
L
2 'polypeptide(L)'
;EVQLVESGGGLVKPGGSLKLSCAASGFAFGNYDMSWVRQTPEKRLEWVAFIGSGGGRIYYGDTMKGRFTISRDNAKNTLY
LQMSSLKSEDTAMYYCTRHYNYYYSMDYWGQGTSVIVSSAKTTPPSVYPLAPGSAAQTNSMVTLGCLVKGYFPEPVTVTW
NSGSLSSGVHTFPAVLQSDLYTLSSSVTVPSSTWPSETVTCNVAHPASSTKVDKKIVPRDCAAAHHHHHH
;
H
#
# COMPACT_ATOMS: atom_id res chain seq x y z
N ASP A 1 21.29 3.10 -22.93
CA ASP A 1 21.52 3.17 -21.50
C ASP A 1 21.63 1.76 -20.91
N ILE A 2 21.81 1.67 -19.60
CA ILE A 2 21.95 0.39 -18.90
C ILE A 2 20.72 0.21 -18.03
N GLU A 3 20.13 -0.99 -18.07
CA GLU A 3 18.89 -1.25 -17.37
C GLU A 3 18.98 -2.55 -16.57
N LEU A 4 18.18 -2.62 -15.49
CA LEU A 4 18.25 -3.67 -14.49
C LEU A 4 16.97 -4.49 -14.55
N THR A 5 17.09 -5.81 -14.46
CA THR A 5 15.91 -6.64 -14.27
C THR A 5 16.16 -7.57 -13.10
N GLN A 6 15.11 -7.83 -12.32
CA GLN A 6 15.19 -8.65 -11.13
C GLN A 6 14.34 -9.90 -11.26
N SER A 7 14.81 -10.99 -10.67
CA SER A 7 14.13 -12.25 -10.70
C SER A 7 14.30 -12.95 -9.36
N PRO A 8 13.22 -13.56 -8.81
CA PRO A 8 11.85 -13.48 -9.31
C PRO A 8 11.11 -12.26 -8.78
N ALA A 9 9.96 -11.94 -9.38
CA ALA A 9 9.16 -10.80 -8.92
C ALA A 9 8.64 -11.03 -7.50
N VAL A 10 8.17 -12.25 -7.22
CA VAL A 10 7.58 -12.60 -5.92
C VAL A 10 8.06 -14.00 -5.54
N MET A 11 8.43 -14.18 -4.28
CA MET A 11 8.75 -15.51 -3.79
C MET A 11 8.31 -15.60 -2.34
N SER A 12 8.08 -16.83 -1.89
CA SER A 12 7.70 -17.04 -0.51
C SER A 12 8.45 -18.26 0.01
N ALA A 13 8.73 -18.25 1.31
CA ALA A 13 9.53 -19.31 1.88
C ALA A 13 9.19 -19.42 3.36
N PHE A 14 9.36 -20.61 3.91
CA PHE A 14 9.23 -20.76 5.36
C PHE A 14 10.45 -20.16 6.04
N PRO A 15 10.30 -19.65 7.26
CA PRO A 15 11.48 -19.35 8.06
C PRO A 15 12.38 -20.58 8.14
N GLY A 16 13.69 -20.36 8.04
CA GLY A 16 14.66 -21.43 8.07
C GLY A 16 15.20 -21.84 6.71
N GLU A 17 14.62 -21.35 5.62
CA GLU A 17 15.11 -21.73 4.31
C GLU A 17 16.21 -20.77 3.87
N GLU A 18 16.97 -21.22 2.85
CA GLU A 18 17.89 -20.37 2.12
C GLU A 18 17.15 -19.67 1.00
N VAL A 19 17.42 -18.36 0.83
CA VAL A 19 16.75 -17.52 -0.17
C VAL A 19 17.81 -16.88 -1.06
N THR A 20 17.58 -16.91 -2.39
CA THR A 20 18.42 -16.23 -3.36
C THR A 20 17.56 -15.47 -4.36
N MET A 21 17.93 -14.22 -4.64
CA MET A 21 17.30 -13.43 -5.68
C MET A 21 18.38 -12.75 -6.52
N THR A 22 18.06 -12.51 -7.79
CA THR A 22 19.04 -12.07 -8.78
C THR A 22 18.67 -10.73 -9.39
N CYS A 23 19.71 -9.96 -9.75
CA CYS A 23 19.62 -8.69 -10.45
C CYS A 23 20.51 -8.78 -11.69
N SER A 24 19.95 -8.53 -12.87
CA SER A 24 20.68 -8.62 -14.13
C SER A 24 20.74 -7.25 -14.81
N ALA A 25 21.91 -6.92 -15.34
CA ALA A 25 22.15 -5.66 -16.02
C ALA A 25 22.32 -5.91 -17.52
N SER A 26 21.77 -5.00 -18.33
CA SER A 26 21.83 -5.16 -19.77
C SER A 26 23.26 -5.07 -20.30
N SER A 27 24.17 -4.44 -19.56
CA SER A 27 25.57 -4.42 -19.91
C SER A 27 26.36 -4.32 -18.61
N SER A 28 27.66 -4.65 -18.69
CA SER A 28 28.45 -4.85 -17.48
C SER A 28 28.57 -3.56 -16.67
N ILE A 29 28.44 -3.71 -15.34
CA ILE A 29 28.61 -2.62 -14.37
C ILE A 29 29.22 -3.22 -13.10
N ASN A 30 29.48 -2.36 -12.12
CA ASN A 30 30.04 -2.84 -10.85
C ASN A 30 29.51 -2.00 -9.69
N TYR A 31 29.78 -2.49 -8.47
CA TYR A 31 29.36 -1.85 -7.22
C TYR A 31 27.83 -1.69 -7.13
N MET A 32 27.16 -2.84 -7.11
CA MET A 32 25.71 -2.89 -7.02
C MET A 32 25.23 -2.65 -5.58
N HIS A 33 24.11 -1.94 -5.45
CA HIS A 33 23.48 -1.69 -4.16
C HIS A 33 22.12 -2.39 -4.09
N TRP A 34 21.67 -2.62 -2.86
CA TRP A 34 20.37 -3.27 -2.62
C TRP A 34 19.65 -2.51 -1.52
N TYR A 35 18.36 -2.22 -1.74
CA TYR A 35 17.53 -1.46 -0.79
C TYR A 35 16.33 -2.31 -0.35
N GLN A 36 16.03 -2.25 0.95
CA GLN A 36 14.93 -2.99 1.54
C GLN A 36 13.76 -2.05 1.80
N GLN A 37 12.54 -2.46 1.43
CA GLN A 37 11.37 -1.64 1.74
C GLN A 37 10.22 -2.49 2.26
N LYS A 38 9.58 -2.02 3.33
CA LYS A 38 8.39 -2.60 3.94
C LYS A 38 7.20 -1.64 3.82
N PRO A 39 5.96 -2.14 3.87
CA PRO A 39 4.81 -1.28 3.59
C PRO A 39 4.73 -0.07 4.51
N GLY A 40 4.47 1.09 3.92
CA GLY A 40 4.29 2.31 4.67
C GLY A 40 5.55 3.04 5.07
N THR A 41 6.73 2.51 4.77
CA THR A 41 7.97 3.19 5.13
C THR A 41 8.88 3.35 3.91
N SER A 42 9.95 4.13 4.09
CA SER A 42 10.91 4.49 3.07
C SER A 42 11.88 3.34 2.75
N PRO A 43 12.42 3.28 1.54
CA PRO A 43 13.52 2.36 1.27
C PRO A 43 14.65 2.57 2.27
N LYS A 44 15.41 1.50 2.51
CA LYS A 44 16.49 1.47 3.49
C LYS A 44 17.70 0.81 2.84
N ARG A 45 18.88 1.45 2.94
CA ARG A 45 20.09 0.82 2.42
C ARG A 45 20.34 -0.49 3.15
N TRP A 46 20.51 -1.56 2.38
CA TRP A 46 20.71 -2.89 2.95
C TRP A 46 22.07 -3.46 2.59
N ILE A 47 22.40 -3.53 1.30
CA ILE A 47 23.73 -3.95 0.86
C ILE A 47 24.23 -2.88 -0.08
N TYR A 48 25.54 -2.59 -0.04
CA TYR A 48 26.10 -1.60 -0.94
C TYR A 48 27.50 -2.05 -1.39
N ASP A 49 27.91 -1.50 -2.53
CA ASP A 49 29.21 -1.82 -3.15
C ASP A 49 29.35 -3.32 -3.36
N THR A 50 28.26 -3.91 -3.85
CA THR A 50 28.06 -5.31 -4.23
C THR A 50 28.05 -6.27 -3.05
N SER A 51 28.79 -5.97 -1.98
CA SER A 51 28.91 -6.97 -0.92
C SER A 51 29.05 -6.41 0.49
N LYS A 52 29.02 -5.10 0.68
CA LYS A 52 29.14 -4.55 2.02
C LYS A 52 27.77 -4.50 2.68
N LEU A 53 27.67 -4.98 3.92
CA LEU A 53 26.43 -4.91 4.67
C LEU A 53 26.29 -3.55 5.32
N ALA A 54 25.09 -2.96 5.22
CA ALA A 54 24.82 -1.72 5.92
C ALA A 54 24.67 -1.98 7.41
N SER A 55 24.72 -0.90 8.17
CA SER A 55 24.60 -1.01 9.63
C SER A 55 23.27 -1.64 10.00
N GLY A 56 23.29 -2.52 11.00
CA GLY A 56 22.07 -3.16 11.45
C GLY A 56 21.62 -4.36 10.65
N VAL A 57 22.33 -4.74 9.59
CA VAL A 57 21.93 -5.85 8.74
C VAL A 57 22.59 -7.13 9.24
N PRO A 58 21.84 -8.19 9.51
CA PRO A 58 22.45 -9.41 10.05
C PRO A 58 23.36 -10.10 9.05
N ALA A 59 24.34 -10.84 9.59
CA ALA A 59 25.31 -11.53 8.75
C ALA A 59 24.69 -12.71 8.00
N ARG A 60 23.43 -13.05 8.24
CA ARG A 60 22.75 -13.99 7.36
C ARG A 60 22.63 -13.49 5.92
N PHE A 61 22.71 -12.17 5.70
CA PHE A 61 22.61 -11.60 4.35
C PHE A 61 23.98 -11.51 3.70
N SER A 62 24.05 -11.76 2.40
CA SER A 62 25.26 -11.48 1.65
C SER A 62 24.91 -11.07 0.22
N GLY A 63 25.74 -10.21 -0.36
CA GLY A 63 25.61 -9.85 -1.77
C GLY A 63 26.85 -10.29 -2.53
N SER A 64 26.64 -10.62 -3.80
CA SER A 64 27.75 -11.05 -4.65
C SER A 64 27.36 -10.81 -6.10
N GLY A 65 28.31 -11.05 -7.01
CA GLY A 65 28.11 -10.89 -8.43
C GLY A 65 29.20 -10.07 -9.08
N SER A 66 29.09 -9.92 -10.39
CA SER A 66 30.02 -9.14 -11.19
C SER A 66 29.45 -9.04 -12.58
N GLY A 67 29.97 -8.08 -13.35
CA GLY A 67 29.60 -8.02 -14.75
C GLY A 67 28.14 -7.69 -14.91
N THR A 68 27.40 -8.62 -15.51
CA THR A 68 25.98 -8.41 -15.78
C THR A 68 25.05 -9.14 -14.81
N SER A 69 25.58 -9.82 -13.80
CA SER A 69 24.70 -10.61 -12.92
C SER A 69 25.10 -10.43 -11.47
N TYR A 70 24.09 -10.18 -10.62
CA TYR A 70 24.31 -9.95 -9.21
C TYR A 70 23.22 -10.66 -8.41
N SER A 71 23.49 -10.89 -7.13
CA SER A 71 22.54 -11.62 -6.30
C SER A 71 22.62 -11.19 -4.85
N LEU A 72 21.50 -11.35 -4.17
CA LEU A 72 21.37 -11.18 -2.73
C LEU A 72 20.89 -12.52 -2.18
N THR A 73 21.52 -12.96 -1.11
CA THR A 73 21.28 -14.29 -0.56
C THR A 73 21.04 -14.17 0.93
N ILE A 74 20.12 -14.98 1.46
CA ILE A 74 19.76 -14.98 2.87
C ILE A 74 19.85 -16.41 3.36
N SER A 75 20.63 -16.63 4.42
CA SER A 75 20.67 -17.96 5.06
C SER A 75 19.69 -17.99 6.21
N SER A 76 19.09 -19.16 6.43
CA SER A 76 18.16 -19.42 7.54
C SER A 76 17.20 -18.26 7.75
N MET A 77 16.36 -18.05 6.74
CA MET A 77 15.55 -16.84 6.67
C MET A 77 14.64 -16.70 7.90
N GLU A 78 14.38 -15.46 8.31
CA GLU A 78 13.56 -15.15 9.48
C GLU A 78 12.36 -14.32 9.04
N ALA A 79 11.31 -14.33 9.86
CA ALA A 79 10.07 -13.67 9.45
C ALA A 79 10.28 -12.18 9.19
N GLU A 80 11.11 -11.53 10.01
CA GLU A 80 11.39 -10.11 9.84
C GLU A 80 12.10 -9.80 8.51
N ASP A 81 12.64 -10.82 7.83
CA ASP A 81 13.24 -10.59 6.51
C ASP A 81 12.21 -10.28 5.43
N ALA A 82 10.92 -10.50 5.69
CA ALA A 82 9.91 -10.29 4.64
C ALA A 82 9.86 -8.82 4.24
N ALA A 83 10.01 -8.56 2.94
CA ALA A 83 10.12 -7.20 2.41
C ALA A 83 10.29 -7.25 0.91
N THR A 84 10.31 -6.08 0.25
CA THR A 84 10.72 -5.98 -1.14
C THR A 84 12.17 -5.48 -1.18
N TYR A 85 13.00 -6.16 -1.95
CA TYR A 85 14.41 -5.79 -2.13
C TYR A 85 14.63 -5.29 -3.57
N TYR A 86 15.19 -4.09 -3.70
CA TYR A 86 15.41 -3.44 -4.99
C TYR A 86 16.91 -3.29 -5.25
N CYS A 87 17.39 -3.64 -6.45
CA CYS A 87 18.76 -3.32 -6.80
C CYS A 87 18.86 -1.98 -7.54
N HIS A 88 20.02 -1.32 -7.40
CA HIS A 88 20.32 -0.07 -8.08
C HIS A 88 21.84 0.12 -8.12
N GLN A 89 22.30 0.89 -9.11
CA GLN A 89 23.72 1.12 -9.35
C GLN A 89 23.91 2.53 -9.91
N ARG A 90 25.13 3.08 -9.77
CA ARG A 90 25.33 4.53 -9.89
C ARG A 90 25.07 5.09 -11.28
N SER A 91 24.95 4.25 -12.31
CA SER A 91 24.70 4.75 -13.67
C SER A 91 23.29 4.41 -14.15
N ILE A 92 22.40 4.00 -13.24
CA ILE A 92 21.07 3.49 -13.59
C ILE A 92 20.02 4.55 -13.21
N PHE A 93 19.12 4.85 -14.16
CA PHE A 93 18.03 5.78 -13.89
C PHE A 93 16.92 5.10 -13.07
N THR A 94 16.48 3.92 -13.48
CA THR A 94 15.36 3.22 -12.86
C THR A 94 15.87 2.04 -12.05
N PHE A 95 15.52 2.00 -10.76
CA PHE A 95 15.87 0.85 -9.93
C PHE A 95 15.29 -0.41 -10.53
N GLY A 96 15.94 -1.54 -10.25
CA GLY A 96 15.27 -2.80 -10.54
C GLY A 96 13.87 -2.82 -9.96
N SER A 97 12.96 -3.60 -10.55
CA SER A 97 11.57 -3.59 -10.15
C SER A 97 11.30 -4.33 -8.84
N GLY A 98 12.30 -4.96 -8.25
CA GLY A 98 12.14 -5.53 -6.91
C GLY A 98 11.71 -6.98 -6.82
N THR A 99 12.24 -7.69 -5.84
CA THR A 99 11.77 -9.02 -5.48
C THR A 99 11.06 -8.90 -4.14
N LYS A 100 9.79 -9.31 -4.08
CA LYS A 100 8.99 -9.29 -2.85
C LYS A 100 9.08 -10.64 -2.18
N LEU A 101 9.70 -10.70 -1.00
CA LEU A 101 9.84 -11.94 -0.27
C LEU A 101 8.71 -12.06 0.74
N GLU A 102 7.97 -13.15 0.67
CA GLU A 102 6.81 -13.36 1.54
C GLU A 102 7.02 -14.60 2.41
N ILE A 103 6.24 -14.71 3.47
CA ILE A 103 6.40 -15.76 4.46
C ILE A 103 5.42 -16.90 4.19
N LYS A 104 5.94 -18.12 4.11
CA LYS A 104 5.06 -19.27 3.96
C LYS A 104 4.61 -19.73 5.35
N ARG A 105 3.37 -20.20 5.43
CA ARG A 105 2.80 -20.69 6.67
C ARG A 105 1.80 -21.79 6.32
N ALA A 106 1.13 -22.31 7.35
CA ALA A 106 0.15 -23.38 7.15
C ALA A 106 -1.10 -22.83 6.47
N ASP A 107 -1.69 -23.64 5.60
CA ASP A 107 -2.91 -23.24 4.89
C ASP A 107 -4.02 -22.94 5.89
N ALA A 108 -4.89 -21.98 5.54
CA ALA A 108 -6.02 -21.61 6.39
C ALA A 108 -7.21 -21.18 5.55
N ALA A 109 -8.43 -21.70 5.88
CA ALA A 109 -9.61 -21.27 5.15
C ALA A 109 -10.10 -19.90 5.63
N PRO A 110 -10.69 -19.10 4.76
CA PRO A 110 -11.14 -17.77 5.18
C PRO A 110 -12.38 -17.84 6.06
N THR A 111 -12.51 -16.85 6.94
CA THR A 111 -13.77 -16.54 7.59
C THR A 111 -14.53 -15.55 6.73
N VAL A 112 -15.71 -15.91 6.25
CA VAL A 112 -16.42 -15.19 5.20
C VAL A 112 -17.64 -14.51 5.80
N SER A 113 -17.85 -13.25 5.47
CA SER A 113 -19.12 -12.65 5.88
C SER A 113 -19.61 -11.66 4.84
N ILE A 114 -20.94 -11.56 4.73
CA ILE A 114 -21.56 -10.73 3.71
C ILE A 114 -22.46 -9.69 4.37
N PHE A 115 -22.53 -8.51 3.75
CA PHE A 115 -23.32 -7.41 4.29
C PHE A 115 -24.20 -6.78 3.22
N PRO A 116 -25.51 -6.68 3.47
CA PRO A 116 -26.40 -5.94 2.56
C PRO A 116 -26.07 -4.46 2.54
N PRO A 117 -26.46 -3.74 1.48
CA PRO A 117 -26.36 -2.28 1.49
C PRO A 117 -27.07 -1.69 2.71
N SER A 118 -26.45 -0.68 3.31
CA SER A 118 -27.08 0.01 4.42
C SER A 118 -28.24 0.88 3.92
N SER A 119 -29.19 1.16 4.80
CA SER A 119 -30.29 2.04 4.39
C SER A 119 -29.78 3.43 4.05
N GLU A 120 -28.76 3.90 4.77
CA GLU A 120 -28.19 5.21 4.49
C GLU A 120 -27.62 5.28 3.06
N GLN A 121 -26.90 4.23 2.63
CA GLN A 121 -26.41 4.23 1.27
C GLN A 121 -27.54 4.17 0.26
N LEU A 122 -28.59 3.39 0.54
CA LEU A 122 -29.71 3.30 -0.40
C LEU A 122 -30.37 4.66 -0.57
N THR A 123 -30.50 5.42 0.52
CA THR A 123 -31.10 6.75 0.47
C THR A 123 -30.43 7.62 -0.59
N SER A 124 -29.12 7.47 -0.75
CA SER A 124 -28.36 8.25 -1.71
C SER A 124 -28.40 7.68 -3.12
N GLY A 125 -28.98 6.50 -3.33
CA GLY A 125 -29.15 5.96 -4.66
C GLY A 125 -28.11 4.96 -5.12
N GLY A 126 -27.18 4.55 -4.25
CA GLY A 126 -26.24 3.49 -4.55
C GLY A 126 -26.48 2.27 -3.69
N ALA A 127 -25.87 1.16 -4.07
CA ALA A 127 -25.99 -0.08 -3.30
C ALA A 127 -24.71 -0.89 -3.48
N SER A 128 -23.93 -0.98 -2.41
CA SER A 128 -22.75 -1.83 -2.37
C SER A 128 -23.06 -3.03 -1.51
N VAL A 129 -22.84 -4.23 -2.03
CA VAL A 129 -22.85 -5.46 -1.22
C VAL A 129 -21.39 -5.84 -0.93
N VAL A 130 -21.06 -5.97 0.35
CA VAL A 130 -19.67 -6.14 0.79
C VAL A 130 -19.50 -7.55 1.32
N CYS A 131 -18.44 -8.22 0.87
CA CYS A 131 -18.09 -9.54 1.40
C CYS A 131 -16.65 -9.50 1.87
N PHE A 132 -16.38 -9.94 3.11
CA PHE A 132 -15.05 -10.01 3.68
C PHE A 132 -14.58 -11.47 3.74
N LEU A 133 -13.34 -11.71 3.34
CA LEU A 133 -12.72 -13.05 3.44
C LEU A 133 -11.46 -12.89 4.27
N ASN A 134 -11.53 -13.25 5.56
CA ASN A 134 -10.53 -12.83 6.54
C ASN A 134 -9.65 -13.98 7.02
N ASN A 135 -8.35 -13.70 7.11
CA ASN A 135 -7.35 -14.57 7.74
C ASN A 135 -7.21 -15.93 7.04
N PHE A 136 -6.91 -15.89 5.74
CA PHE A 136 -6.71 -17.13 4.99
C PHE A 136 -5.28 -17.25 4.45
N TYR A 137 -4.91 -18.47 4.05
CA TYR A 137 -3.58 -18.68 3.39
C TYR A 137 -3.67 -19.90 2.48
N PRO A 138 -3.08 -19.85 1.26
CA PRO A 138 -2.31 -18.78 0.60
C PRO A 138 -3.15 -17.62 0.07
N LYS A 139 -2.48 -16.70 -0.63
CA LYS A 139 -3.13 -15.48 -1.10
C LYS A 139 -4.13 -15.76 -2.22
N ASP A 140 -3.85 -16.77 -3.04
CA ASP A 140 -4.69 -17.10 -4.19
C ASP A 140 -6.03 -17.63 -3.72
N ILE A 141 -7.10 -16.91 -4.02
CA ILE A 141 -8.45 -17.30 -3.63
C ILE A 141 -9.39 -16.77 -4.70
N ASN A 142 -10.46 -17.51 -4.96
CA ASN A 142 -11.42 -17.14 -5.99
C ASN A 142 -12.74 -16.79 -5.34
N VAL A 143 -13.29 -15.63 -5.68
CA VAL A 143 -14.59 -15.17 -5.18
C VAL A 143 -15.55 -15.07 -6.35
N LYS A 144 -16.76 -15.59 -6.16
CA LYS A 144 -17.79 -15.61 -7.19
C LYS A 144 -19.10 -15.09 -6.60
N TRP A 145 -19.75 -14.16 -7.30
CA TRP A 145 -21.04 -13.60 -6.91
C TRP A 145 -22.15 -14.21 -7.76
N LYS A 146 -23.21 -14.68 -7.11
CA LYS A 146 -24.42 -15.11 -7.79
C LYS A 146 -25.59 -14.23 -7.37
N ILE A 147 -26.34 -13.74 -8.36
CA ILE A 147 -27.54 -12.96 -8.15
C ILE A 147 -28.71 -13.78 -8.68
N ASP A 148 -29.66 -14.11 -7.80
CA ASP A 148 -30.84 -14.89 -8.16
C ASP A 148 -30.44 -16.12 -8.99
N GLY A 149 -29.34 -16.75 -8.61
CA GLY A 149 -28.93 -18.02 -9.18
C GLY A 149 -27.99 -17.95 -10.37
N SER A 150 -27.70 -16.76 -10.89
CA SER A 150 -26.86 -16.61 -12.06
C SER A 150 -25.60 -15.81 -11.72
N GLU A 151 -24.46 -16.28 -12.24
CA GLU A 151 -23.18 -15.68 -11.92
C GLU A 151 -23.13 -14.22 -12.39
N ARG A 152 -22.54 -13.36 -11.56
CA ARG A 152 -22.39 -11.94 -11.88
C ARG A 152 -20.92 -11.56 -11.79
N GLN A 153 -20.44 -10.85 -12.81
CA GLN A 153 -19.01 -10.57 -12.97
C GLN A 153 -18.67 -9.10 -13.14
N ASN A 154 -19.63 -8.25 -13.53
CA ASN A 154 -19.42 -6.82 -13.68
C ASN A 154 -19.76 -6.08 -12.38
N GLY A 155 -19.00 -5.03 -12.11
CA GLY A 155 -19.21 -4.24 -10.90
C GLY A 155 -18.61 -4.81 -9.64
N VAL A 156 -17.76 -5.83 -9.73
CA VAL A 156 -17.05 -6.42 -8.60
C VAL A 156 -15.65 -5.81 -8.52
N LEU A 157 -15.25 -5.37 -7.32
CA LEU A 157 -13.91 -4.91 -7.04
C LEU A 157 -13.35 -5.68 -5.85
N ASN A 158 -12.12 -6.19 -5.97
CA ASN A 158 -11.49 -6.97 -4.93
C ASN A 158 -10.22 -6.28 -4.43
N SER A 159 -9.95 -6.36 -3.12
CA SER A 159 -8.77 -5.71 -2.56
C SER A 159 -8.20 -6.58 -1.46
N TRP A 160 -6.93 -6.99 -1.62
CA TRP A 160 -6.19 -7.80 -0.64
C TRP A 160 -5.37 -6.94 0.30
N THR A 161 -5.32 -7.32 1.57
CA THR A 161 -4.35 -6.70 2.47
C THR A 161 -2.93 -7.20 2.15
N ASP A 162 -1.94 -6.48 2.67
CA ASP A 162 -0.60 -7.03 2.76
C ASP A 162 -0.60 -8.21 3.74
N GLN A 163 0.34 -9.13 3.54
CA GLN A 163 0.50 -10.23 4.46
C GLN A 163 0.55 -9.71 5.89
N ASP A 164 -0.19 -10.37 6.78
CA ASP A 164 -0.35 -9.89 8.14
C ASP A 164 0.95 -10.04 8.92
N SER A 165 1.39 -8.96 9.56
CA SER A 165 2.69 -8.95 10.22
C SER A 165 2.75 -9.83 11.47
N LYS A 166 1.61 -10.27 12.01
CA LYS A 166 1.63 -11.14 13.18
C LYS A 166 1.39 -12.61 12.84
N ASP A 167 0.38 -12.96 12.05
CA ASP A 167 0.10 -14.38 11.82
C ASP A 167 0.36 -14.84 10.39
N SER A 168 0.79 -13.94 9.49
CA SER A 168 1.18 -14.21 8.10
C SER A 168 0.00 -14.57 7.21
N THR A 169 -1.23 -14.34 7.64
CA THR A 169 -2.36 -14.58 6.77
C THR A 169 -2.63 -13.38 5.88
N TYR A 170 -3.53 -13.59 4.93
CA TYR A 170 -4.06 -12.56 4.06
C TYR A 170 -5.55 -12.40 4.36
N SER A 171 -6.07 -11.20 4.10
CA SER A 171 -7.50 -10.94 4.11
C SER A 171 -7.85 -10.21 2.83
N MET A 172 -9.11 -10.27 2.42
CA MET A 172 -9.50 -9.51 1.24
C MET A 172 -10.98 -9.12 1.31
N SER A 173 -11.31 -8.01 0.67
CA SER A 173 -12.70 -7.61 0.49
C SER A 173 -13.08 -7.79 -0.97
N SER A 174 -14.31 -8.25 -1.20
CA SER A 174 -14.93 -8.27 -2.52
C SER A 174 -16.21 -7.46 -2.43
N THR A 175 -16.33 -6.41 -3.24
CA THR A 175 -17.46 -5.51 -3.17
C THR A 175 -18.17 -5.48 -4.52
N LEU A 176 -19.47 -5.72 -4.48
CA LEU A 176 -20.37 -5.64 -5.65
C LEU A 176 -21.13 -4.32 -5.58
N THR A 177 -20.83 -3.40 -6.49
CA THR A 177 -21.49 -2.10 -6.50
C THR A 177 -22.55 -2.07 -7.59
N LEU A 178 -23.77 -1.69 -7.21
CA LEU A 178 -24.91 -1.60 -8.11
C LEU A 178 -25.56 -0.25 -7.92
N THR A 179 -26.39 0.14 -8.89
CA THR A 179 -27.31 1.23 -8.63
C THR A 179 -28.42 0.73 -7.70
N LYS A 180 -29.12 1.67 -7.06
CA LYS A 180 -30.21 1.27 -6.18
C LYS A 180 -31.31 0.56 -6.96
N ASP A 181 -31.59 1.00 -8.19
CA ASP A 181 -32.62 0.35 -8.99
C ASP A 181 -32.20 -1.04 -9.43
N GLU A 182 -30.94 -1.22 -9.82
CA GLU A 182 -30.45 -2.57 -10.14
C GLU A 182 -30.53 -3.48 -8.93
N TYR A 183 -30.15 -2.99 -7.75
CA TYR A 183 -30.21 -3.81 -6.54
C TYR A 183 -31.65 -4.17 -6.20
N GLU A 184 -32.58 -3.22 -6.40
CA GLU A 184 -33.98 -3.44 -6.05
C GLU A 184 -34.69 -4.39 -7.01
N ARG A 185 -34.06 -4.77 -8.11
CA ARG A 185 -34.66 -5.69 -9.08
C ARG A 185 -34.35 -7.16 -8.79
N HIS A 186 -33.58 -7.45 -7.76
CA HIS A 186 -33.18 -8.83 -7.49
C HIS A 186 -33.28 -9.11 -6.00
N ASN A 187 -33.27 -10.40 -5.65
CA ASN A 187 -33.59 -10.78 -4.28
C ASN A 187 -32.49 -11.54 -3.57
N SER A 188 -31.93 -12.58 -4.19
CA SER A 188 -30.94 -13.44 -3.57
C SER A 188 -29.53 -13.00 -3.97
N TYR A 189 -28.69 -12.71 -2.97
CA TYR A 189 -27.30 -12.31 -3.19
C TYR A 189 -26.37 -13.27 -2.46
N THR A 190 -25.41 -13.84 -3.20
CA THR A 190 -24.49 -14.86 -2.67
C THR A 190 -23.04 -14.50 -2.96
N CYS A 191 -22.19 -14.66 -1.95
CA CYS A 191 -20.74 -14.55 -2.05
C CYS A 191 -20.16 -15.94 -1.78
N GLU A 192 -19.38 -16.47 -2.72
CA GLU A 192 -18.75 -17.79 -2.62
C GLU A 192 -17.24 -17.69 -2.72
N ALA A 193 -16.54 -18.24 -1.73
CA ALA A 193 -15.08 -18.32 -1.74
C ALA A 193 -14.65 -19.73 -2.09
N THR A 194 -13.82 -19.87 -3.11
CA THR A 194 -13.21 -21.15 -3.44
C THR A 194 -11.69 -21.03 -3.23
N HIS A 195 -11.18 -21.83 -2.33
CA HIS A 195 -9.81 -21.76 -1.86
C HIS A 195 -9.28 -23.18 -1.81
N LYS A 196 -7.97 -23.32 -1.96
CA LYS A 196 -7.37 -24.65 -2.07
C LYS A 196 -7.54 -25.48 -0.81
N THR A 197 -7.94 -24.88 0.32
CA THR A 197 -8.10 -25.68 1.54
C THR A 197 -9.24 -26.68 1.43
N SER A 198 -10.27 -26.37 0.64
CA SER A 198 -11.38 -27.29 0.45
C SER A 198 -11.86 -27.26 -0.99
N THR A 199 -12.24 -28.44 -1.49
CA THR A 199 -12.84 -28.55 -2.82
C THR A 199 -14.26 -28.01 -2.85
N SER A 200 -14.91 -27.83 -1.69
CA SER A 200 -16.24 -27.24 -1.66
C SER A 200 -16.19 -25.82 -1.13
N PRO A 201 -16.86 -24.88 -1.80
CA PRO A 201 -16.70 -23.47 -1.45
C PRO A 201 -17.34 -23.14 -0.12
N ILE A 202 -16.99 -21.97 0.41
CA ILE A 202 -17.65 -21.39 1.58
C ILE A 202 -18.64 -20.35 1.06
N VAL A 203 -19.90 -20.45 1.50
CA VAL A 203 -21.02 -19.71 0.94
C VAL A 203 -21.69 -18.87 2.03
N LYS A 204 -21.89 -17.58 1.76
CA LYS A 204 -22.75 -16.71 2.57
C LYS A 204 -23.71 -15.98 1.64
N SER A 205 -24.95 -15.77 2.10
CA SER A 205 -26.00 -15.24 1.24
C SER A 205 -27.04 -14.50 2.08
N PHE A 206 -27.92 -13.74 1.41
CA PHE A 206 -29.09 -13.14 2.05
C PHE A 206 -30.13 -12.86 0.98
N ASN A 207 -31.37 -12.70 1.43
CA ASN A 207 -32.48 -12.25 0.61
C ASN A 207 -32.76 -10.78 0.90
N ARG A 208 -32.84 -9.96 -0.16
CA ARG A 208 -33.13 -8.55 0.04
C ARG A 208 -34.48 -8.34 0.72
N ASN A 209 -35.48 -9.16 0.38
CA ASN A 209 -36.84 -8.99 0.90
C ASN A 209 -37.02 -9.48 2.34
N GLU A 210 -35.94 -9.79 3.05
CA GLU A 210 -35.96 -9.96 4.49
C GLU A 210 -35.38 -8.70 5.13
N CYS A 211 -35.79 -8.42 6.37
CA CYS A 211 -35.33 -7.23 7.07
C CYS A 211 -35.49 -5.94 6.24
N GLU B 1 19.48 10.72 15.42
CA GLU B 1 20.50 11.69 15.05
C GLU B 1 20.22 12.32 13.69
N VAL B 2 20.69 11.66 12.62
CA VAL B 2 20.45 12.14 11.27
C VAL B 2 18.95 12.14 10.99
N GLN B 3 18.43 13.28 10.52
CA GLN B 3 17.03 13.41 10.13
C GLN B 3 16.94 14.11 8.79
N LEU B 4 16.09 13.59 7.92
CA LEU B 4 15.72 14.21 6.65
C LEU B 4 14.22 14.29 6.61
N VAL B 5 13.66 15.49 6.49
CA VAL B 5 12.22 15.69 6.64
C VAL B 5 11.70 16.51 5.46
N GLU B 6 10.93 15.86 4.59
CA GLU B 6 10.41 16.44 3.36
C GLU B 6 9.11 17.21 3.62
N SER B 7 8.78 18.10 2.69
CA SER B 7 7.49 18.79 2.73
C SER B 7 7.22 19.41 1.36
N GLY B 8 6.02 19.97 1.21
CA GLY B 8 5.63 20.69 0.02
C GLY B 8 4.79 19.90 -0.96
N GLY B 9 4.62 18.59 -0.76
CA GLY B 9 3.83 17.79 -1.68
C GLY B 9 2.35 18.07 -1.55
N GLY B 10 1.59 17.61 -2.54
CA GLY B 10 0.15 17.77 -2.49
C GLY B 10 -0.49 17.50 -3.85
N LEU B 11 -1.71 18.02 -3.99
CA LEU B 11 -2.50 17.91 -5.21
C LEU B 11 -2.22 19.10 -6.12
N VAL B 12 -2.06 18.83 -7.40
CA VAL B 12 -1.70 19.88 -8.36
C VAL B 12 -2.30 19.50 -9.71
N LYS B 13 -2.87 20.48 -10.41
CA LYS B 13 -3.50 20.21 -11.69
C LYS B 13 -2.42 19.97 -12.75
N PRO B 14 -2.74 19.24 -13.81
CA PRO B 14 -1.76 19.04 -14.88
C PRO B 14 -1.31 20.39 -15.46
N GLY B 15 -0.03 20.47 -15.82
CA GLY B 15 0.58 21.72 -16.24
C GLY B 15 1.03 22.62 -15.11
N GLY B 16 0.73 22.27 -13.86
CA GLY B 16 1.04 23.12 -12.73
C GLY B 16 2.48 22.96 -12.27
N SER B 17 2.77 23.61 -11.15
CA SER B 17 4.12 23.64 -10.61
C SER B 17 4.05 23.43 -9.10
N LEU B 18 5.19 23.00 -8.53
CA LEU B 18 5.30 22.70 -7.11
C LEU B 18 6.76 22.81 -6.69
N LYS B 19 6.99 23.19 -5.43
CA LYS B 19 8.33 23.19 -4.86
C LYS B 19 8.37 22.29 -3.64
N LEU B 20 9.27 21.30 -3.66
CA LEU B 20 9.49 20.42 -2.53
C LEU B 20 10.71 20.85 -1.75
N SER B 21 10.65 20.73 -0.43
CA SER B 21 11.76 21.04 0.44
C SER B 21 12.12 19.81 1.27
N CYS B 22 13.38 19.74 1.68
CA CYS B 22 13.88 18.65 2.54
C CYS B 22 14.75 19.29 3.62
N ALA B 23 14.28 19.24 4.87
CA ALA B 23 15.01 19.83 5.99
C ALA B 23 15.94 18.79 6.61
N ALA B 24 17.22 19.13 6.75
CA ALA B 24 18.22 18.19 7.22
C ALA B 24 18.68 18.58 8.62
N SER B 25 19.04 17.56 9.40
CA SER B 25 19.58 17.78 10.74
C SER B 25 20.55 16.66 11.09
N GLY B 26 21.43 16.95 12.03
CA GLY B 26 22.30 15.95 12.64
C GLY B 26 23.57 15.61 11.90
N PHE B 27 23.88 16.28 10.79
CA PHE B 27 25.14 16.04 10.09
C PHE B 27 25.58 17.33 9.42
N ALA B 28 26.83 17.34 8.97
CA ALA B 28 27.40 18.51 8.29
C ALA B 28 26.86 18.50 6.87
N PHE B 29 25.71 19.16 6.69
CA PHE B 29 24.93 19.05 5.45
C PHE B 29 25.76 19.36 4.21
N GLY B 30 26.69 20.33 4.30
CA GLY B 30 27.45 20.78 3.15
C GLY B 30 28.58 19.88 2.69
N ASN B 31 28.87 18.82 3.43
CA ASN B 31 29.87 17.84 3.03
C ASN B 31 29.30 16.71 2.17
N TYR B 32 27.99 16.67 1.94
CA TYR B 32 27.33 15.50 1.36
C TYR B 32 26.62 15.86 0.06
N ASP B 33 26.83 15.02 -0.96
CA ASP B 33 25.97 14.99 -2.13
C ASP B 33 24.58 14.51 -1.73
N MET B 34 23.54 15.04 -2.38
CA MET B 34 22.14 14.72 -2.05
C MET B 34 21.37 14.40 -3.33
N SER B 35 20.25 13.68 -3.19
CA SER B 35 19.43 13.32 -4.34
C SER B 35 17.93 13.36 -4.02
N TRP B 36 17.13 13.39 -5.08
CA TRP B 36 15.70 13.12 -5.02
C TRP B 36 15.44 11.83 -5.79
N VAL B 37 14.68 10.92 -5.16
CA VAL B 37 14.23 9.66 -5.76
C VAL B 37 12.73 9.61 -5.60
N ARG B 38 12.01 9.16 -6.63
CA ARG B 38 10.55 9.10 -6.55
C ARG B 38 10.09 7.67 -6.74
N GLN B 39 9.00 7.32 -6.08
CA GLN B 39 8.37 6.00 -6.23
C GLN B 39 6.95 6.18 -6.76
N THR B 40 6.70 5.63 -7.94
CA THR B 40 5.43 5.81 -8.65
C THR B 40 4.36 4.93 -8.02
N PRO B 41 3.09 5.10 -8.41
CA PRO B 41 2.05 4.22 -7.84
C PRO B 41 2.30 2.75 -8.10
N GLU B 42 2.95 2.42 -9.21
CA GLU B 42 3.34 1.04 -9.51
C GLU B 42 4.55 0.55 -8.66
N LYS B 43 5.00 1.33 -7.68
CA LYS B 43 6.13 1.04 -6.80
C LYS B 43 7.47 1.10 -7.51
N ARG B 44 7.52 1.66 -8.73
CA ARG B 44 8.76 1.82 -9.49
C ARG B 44 9.59 2.99 -8.96
N LEU B 45 10.89 2.79 -8.76
CA LEU B 45 11.73 3.81 -8.15
C LEU B 45 12.62 4.45 -9.23
N GLU B 46 12.62 5.77 -9.30
CA GLU B 46 13.32 6.50 -10.35
C GLU B 46 14.21 7.57 -9.72
N TRP B 47 15.46 7.63 -10.17
CA TRP B 47 16.40 8.66 -9.72
C TRP B 47 16.10 9.95 -10.46
N VAL B 48 15.57 10.94 -9.76
CA VAL B 48 15.09 12.18 -10.37
C VAL B 48 16.20 13.20 -10.54
N ALA B 49 16.97 13.45 -9.48
CA ALA B 49 17.92 14.54 -9.50
C ALA B 49 18.99 14.29 -8.44
N PHE B 50 20.16 14.86 -8.67
CA PHE B 50 21.35 14.69 -7.86
C PHE B 50 22.04 16.04 -7.80
N ILE B 51 22.58 16.42 -6.64
CA ILE B 51 23.32 17.66 -6.51
C ILE B 51 24.56 17.40 -5.65
N GLY B 52 25.71 17.88 -6.13
CA GLY B 52 26.93 17.76 -5.35
C GLY B 52 26.92 18.64 -4.12
N SER B 53 27.85 18.34 -3.21
CA SER B 53 27.89 19.01 -1.91
C SER B 53 27.96 20.52 -2.05
N GLY B 54 28.76 20.99 -3.01
CA GLY B 54 28.86 22.42 -3.24
C GLY B 54 27.74 23.03 -4.05
N GLY B 55 26.86 22.22 -4.63
CA GLY B 55 25.83 22.78 -5.48
C GLY B 55 26.29 23.12 -6.88
N GLY B 56 27.52 22.78 -7.24
CA GLY B 56 28.07 23.06 -8.54
C GLY B 56 28.04 21.93 -9.53
N ARG B 57 27.53 20.76 -9.15
CA ARG B 57 27.46 19.59 -10.02
C ARG B 57 26.07 18.99 -9.89
N ILE B 58 25.40 18.75 -11.02
CA ILE B 58 23.98 18.39 -11.02
C ILE B 58 23.71 17.37 -12.12
N TYR B 59 22.81 16.42 -11.84
CA TYR B 59 22.31 15.47 -12.85
C TYR B 59 20.82 15.27 -12.68
N TYR B 60 20.16 14.86 -13.76
CA TYR B 60 18.73 14.59 -13.78
C TYR B 60 18.45 13.26 -14.46
N GLY B 61 17.33 12.64 -14.06
CA GLY B 61 16.87 11.41 -14.68
C GLY B 61 16.32 11.61 -16.08
N ASP B 62 16.05 10.48 -16.74
CA ASP B 62 15.87 10.48 -18.19
C ASP B 62 14.59 11.17 -18.64
N THR B 63 13.51 11.07 -17.88
CA THR B 63 12.20 11.51 -18.36
C THR B 63 11.85 12.93 -17.90
N MET B 64 12.80 13.54 -17.17
CA MET B 64 12.63 14.89 -16.56
C MET B 64 12.60 15.98 -17.65
N LYS B 65 13.54 15.98 -18.58
CA LYS B 65 13.48 16.85 -19.76
C LYS B 65 13.41 18.31 -19.36
N GLY B 66 14.26 18.70 -18.41
CA GLY B 66 14.40 20.10 -18.06
C GLY B 66 13.27 20.70 -17.23
N ARG B 67 12.24 19.92 -16.87
CA ARG B 67 11.14 20.43 -16.07
C ARG B 67 11.42 20.42 -14.56
N PHE B 68 12.53 19.84 -14.12
CA PHE B 68 12.93 19.77 -12.72
C PHE B 68 14.20 20.58 -12.47
N THR B 69 14.30 21.19 -11.29
CA THR B 69 15.49 21.94 -10.90
C THR B 69 15.83 21.63 -9.46
N ILE B 70 16.95 20.97 -9.23
CA ILE B 70 17.40 20.67 -7.89
C ILE B 70 18.28 21.83 -7.43
N SER B 71 18.12 22.27 -6.19
CA SER B 71 19.00 23.26 -5.59
C SER B 71 19.09 23.01 -4.09
N ARG B 72 20.04 23.68 -3.45
CA ARG B 72 20.25 23.52 -2.01
C ARG B 72 20.67 24.85 -1.41
N ASP B 73 20.47 24.96 -0.10
CA ASP B 73 20.89 26.12 0.68
C ASP B 73 21.65 25.54 1.88
N ASN B 74 22.97 25.44 1.76
CA ASN B 74 23.75 24.80 2.81
C ASN B 74 23.68 25.57 4.13
N ALA B 75 23.41 26.88 4.09
CA ALA B 75 23.28 27.64 5.32
C ALA B 75 22.03 27.25 6.12
N LYS B 76 20.94 26.90 5.45
CA LYS B 76 19.70 26.51 6.12
C LYS B 76 19.51 25.00 6.15
N ASN B 77 20.51 24.23 5.74
CA ASN B 77 20.46 22.77 5.76
C ASN B 77 19.20 22.25 5.05
N THR B 78 18.87 22.83 3.90
CA THR B 78 17.66 22.48 3.17
C THR B 78 17.99 22.16 1.71
N LEU B 79 17.36 21.13 1.18
CA LEU B 79 17.42 20.73 -0.22
C LEU B 79 16.07 21.03 -0.83
N TYR B 80 16.05 21.45 -2.11
CA TYR B 80 14.82 21.77 -2.82
C TYR B 80 14.73 21.02 -4.14
N LEU B 81 13.49 20.84 -4.61
CA LEU B 81 13.21 20.39 -5.98
C LEU B 81 12.04 21.21 -6.52
N GLN B 82 12.29 21.98 -7.58
CA GLN B 82 11.24 22.74 -8.25
C GLN B 82 10.75 21.93 -9.43
N MET B 83 9.43 21.77 -9.54
CA MET B 83 8.83 20.92 -10.57
C MET B 83 7.85 21.78 -11.35
N SER B 84 7.89 21.69 -12.68
CA SER B 84 7.00 22.54 -13.47
C SER B 84 6.42 21.75 -14.63
N SER B 85 5.38 22.31 -15.25
CA SER B 85 4.65 21.65 -16.34
C SER B 85 4.35 20.20 -15.98
N LEU B 86 3.77 20.00 -14.80
CA LEU B 86 3.64 18.68 -14.24
C LEU B 86 2.69 17.80 -15.06
N LYS B 87 3.01 16.52 -15.10
CA LYS B 87 2.29 15.54 -15.90
C LYS B 87 1.76 14.45 -15.00
N SER B 88 0.71 13.77 -15.47
CA SER B 88 0.13 12.64 -14.75
C SER B 88 1.20 11.65 -14.31
N GLU B 89 2.19 11.41 -15.16
CA GLU B 89 3.25 10.45 -14.86
C GLU B 89 4.23 10.92 -13.78
N ASP B 90 4.15 12.17 -13.34
CA ASP B 90 4.95 12.65 -12.23
C ASP B 90 4.31 12.36 -10.87
N THR B 91 3.14 11.73 -10.83
CA THR B 91 2.53 11.36 -9.57
C THR B 91 3.39 10.29 -8.89
N ALA B 92 3.82 10.55 -7.66
CA ALA B 92 4.75 9.66 -6.96
C ALA B 92 4.97 10.18 -5.55
N MET B 93 5.56 9.33 -4.72
CA MET B 93 6.17 9.73 -3.44
C MET B 93 7.60 10.22 -3.71
N TYR B 94 7.93 11.44 -3.26
CA TYR B 94 9.25 12.02 -3.51
C TYR B 94 10.10 11.95 -2.24
N TYR B 95 11.26 11.30 -2.35
CA TYR B 95 12.15 11.05 -1.23
C TYR B 95 13.41 11.87 -1.38
N CYS B 96 13.78 12.54 -0.31
CA CYS B 96 15.11 13.12 -0.10
C CYS B 96 16.11 12.02 0.30
N THR B 97 17.30 11.96 -0.34
CA THR B 97 18.30 10.97 0.07
C THR B 97 19.70 11.57 0.17
N ARG B 98 20.55 10.94 0.99
CA ARG B 98 21.92 11.36 1.21
C ARG B 98 22.89 10.30 0.69
N HIS B 99 23.99 10.74 0.10
CA HIS B 99 25.00 9.84 -0.45
C HIS B 99 26.16 9.64 0.52
N TYR B 100 26.68 8.40 0.54
CA TYR B 100 27.73 7.93 1.43
C TYR B 100 29.13 8.17 0.86
N ASN B 101 29.41 7.61 -0.31
CA ASN B 101 30.73 7.75 -0.94
C ASN B 101 30.51 7.91 -2.46
N TYR B 102 31.57 7.72 -3.25
CA TYR B 102 31.52 7.99 -4.68
C TYR B 102 31.21 6.77 -5.53
N TYR B 103 30.63 5.71 -4.95
CA TYR B 103 29.84 4.76 -5.70
C TYR B 103 28.35 4.99 -5.51
N TYR B 104 27.98 6.01 -4.73
CA TYR B 104 26.66 6.65 -4.75
C TYR B 104 25.52 5.79 -4.19
N SER B 105 25.82 4.86 -3.27
CA SER B 105 24.72 4.32 -2.48
C SER B 105 24.12 5.45 -1.64
N MET B 106 22.85 5.26 -1.26
CA MET B 106 22.07 6.27 -0.54
C MET B 106 21.84 5.77 0.89
N ASP B 107 22.58 6.34 1.85
CA ASP B 107 22.62 5.72 3.17
C ASP B 107 21.55 6.24 4.12
N TYR B 108 20.89 7.36 3.82
CA TYR B 108 19.76 7.83 4.60
C TYR B 108 18.67 8.33 3.66
N TRP B 109 17.42 8.04 4.02
CA TRP B 109 16.25 8.46 3.27
C TRP B 109 15.31 9.23 4.19
N GLY B 110 14.64 10.25 3.66
CA GLY B 110 13.59 10.91 4.41
C GLY B 110 12.27 10.14 4.41
N GLN B 111 11.25 10.73 5.03
CA GLN B 111 9.96 10.06 5.15
C GLN B 111 9.12 10.11 3.88
N GLY B 112 9.49 10.97 2.92
CA GLY B 112 8.76 11.05 1.66
C GLY B 112 7.63 12.08 1.69
N THR B 113 7.40 12.76 0.58
CA THR B 113 6.27 13.70 0.46
C THR B 113 5.52 13.37 -0.83
N SER B 114 4.20 13.30 -0.76
CA SER B 114 3.41 12.72 -1.83
C SER B 114 2.91 13.81 -2.78
N VAL B 115 3.13 13.62 -4.09
CA VAL B 115 2.71 14.55 -5.13
C VAL B 115 1.71 13.82 -6.01
N ILE B 116 0.55 14.45 -6.24
CA ILE B 116 -0.52 13.83 -7.02
C ILE B 116 -0.92 14.83 -8.09
N VAL B 117 -0.77 14.46 -9.36
CA VAL B 117 -1.02 15.35 -10.50
C VAL B 117 -2.28 14.85 -11.20
N SER B 118 -3.41 15.58 -11.04
CA SER B 118 -4.65 15.30 -11.75
C SER B 118 -5.62 16.46 -11.58
N SER B 119 -6.75 16.36 -12.31
CA SER B 119 -7.84 17.33 -12.27
C SER B 119 -8.86 17.07 -11.16
N ALA B 120 -8.78 15.92 -10.49
CA ALA B 120 -9.73 15.62 -9.42
C ALA B 120 -9.58 16.63 -8.29
N LYS B 121 -10.67 16.87 -7.57
CA LYS B 121 -10.63 17.82 -6.46
C LYS B 121 -10.82 17.10 -5.13
N THR B 122 -10.28 17.72 -4.07
CA THR B 122 -10.46 17.22 -2.71
C THR B 122 -11.94 17.04 -2.41
N THR B 123 -12.31 15.84 -1.92
CA THR B 123 -13.69 15.41 -1.71
C THR B 123 -13.74 14.61 -0.42
N PRO B 124 -14.66 14.93 0.50
CA PRO B 124 -14.75 14.16 1.75
C PRO B 124 -15.43 12.81 1.53
N PRO B 125 -15.17 11.83 2.39
CA PRO B 125 -15.79 10.52 2.23
C PRO B 125 -17.22 10.48 2.77
N SER B 126 -18.04 9.63 2.13
CA SER B 126 -19.27 9.14 2.72
C SER B 126 -18.95 7.86 3.50
N VAL B 127 -19.53 7.74 4.69
CA VAL B 127 -19.26 6.62 5.58
C VAL B 127 -20.58 5.91 5.88
N TYR B 128 -20.59 4.57 5.74
CA TYR B 128 -21.81 3.79 5.97
C TYR B 128 -21.57 2.63 6.91
N PRO B 129 -22.49 2.39 7.84
CA PRO B 129 -22.33 1.25 8.77
C PRO B 129 -22.72 -0.07 8.10
N LEU B 130 -21.91 -1.10 8.35
CA LEU B 130 -22.16 -2.44 7.83
C LEU B 130 -22.56 -3.34 9.00
N ALA B 131 -23.93 -3.47 9.24
CA ALA B 131 -24.45 -4.44 10.20
C ALA B 131 -24.93 -5.71 9.46
N PRO B 132 -24.91 -6.88 10.11
CA PRO B 132 -25.30 -8.09 9.36
C PRO B 132 -26.69 -8.01 8.75
N GLY B 133 -27.67 -7.44 9.46
CA GLY B 133 -29.00 -7.33 8.88
C GLY B 133 -29.59 -8.69 8.57
N SER B 134 -30.19 -8.81 7.37
CA SER B 134 -30.77 -10.08 6.94
C SER B 134 -29.72 -11.16 6.68
N ALA B 135 -28.43 -10.86 6.87
CA ALA B 135 -27.35 -11.82 6.87
C ALA B 135 -26.83 -12.12 8.28
N ALA B 136 -27.69 -12.04 9.29
CA ALA B 136 -27.31 -12.25 10.69
C ALA B 136 -26.43 -13.49 10.85
N GLN B 137 -25.37 -13.36 11.66
CA GLN B 137 -24.45 -14.47 11.91
C GLN B 137 -24.92 -15.23 13.17
N THR B 138 -24.24 -16.33 13.51
CA THR B 138 -24.70 -17.11 14.66
C THR B 138 -23.57 -17.71 15.50
N ASN B 139 -22.32 -17.40 15.19
CA ASN B 139 -21.15 -17.98 15.85
C ASN B 139 -20.98 -17.40 17.28
N SER B 140 -19.85 -17.71 17.91
CA SER B 140 -19.43 -17.01 19.13
C SER B 140 -18.76 -15.66 18.83
N MET B 141 -18.48 -15.37 17.55
CA MET B 141 -17.91 -14.12 17.08
C MET B 141 -18.87 -13.47 16.11
N VAL B 142 -18.82 -12.15 16.03
CA VAL B 142 -19.57 -11.43 15.01
C VAL B 142 -18.61 -10.47 14.32
N THR B 143 -18.79 -10.29 13.02
CA THR B 143 -17.97 -9.37 12.24
C THR B 143 -18.84 -8.22 11.75
N LEU B 144 -18.36 -7.00 11.97
CA LEU B 144 -19.05 -5.79 11.55
C LEU B 144 -18.13 -5.00 10.62
N GLY B 145 -18.66 -3.94 10.01
CA GLY B 145 -17.80 -3.17 9.14
C GLY B 145 -18.25 -1.73 8.96
N CYS B 146 -17.39 -0.98 8.25
CA CYS B 146 -17.68 0.36 7.76
C CYS B 146 -17.20 0.49 6.33
N LEU B 147 -18.05 1.10 5.49
CA LEU B 147 -17.76 1.35 4.08
C LEU B 147 -17.43 2.83 3.94
N VAL B 148 -16.25 3.14 3.41
CA VAL B 148 -15.81 4.51 3.23
C VAL B 148 -15.72 4.75 1.72
N LYS B 149 -16.56 5.64 1.21
CA LYS B 149 -16.79 5.74 -0.22
C LYS B 149 -16.66 7.19 -0.72
N GLY B 150 -15.99 7.35 -1.85
CA GLY B 150 -16.08 8.60 -2.59
C GLY B 150 -15.19 9.75 -2.16
N TYR B 151 -13.97 9.48 -1.68
CA TYR B 151 -13.10 10.54 -1.21
C TYR B 151 -11.88 10.71 -2.11
N PHE B 152 -11.21 11.85 -1.94
CA PHE B 152 -10.01 12.17 -2.70
C PHE B 152 -9.29 13.33 -2.03
N PRO B 153 -7.95 13.33 -1.97
CA PRO B 153 -7.08 12.20 -2.30
C PRO B 153 -6.94 11.21 -1.13
N GLU B 154 -6.15 10.17 -1.35
CA GLU B 154 -5.76 9.32 -0.25
C GLU B 154 -4.88 10.12 0.70
N PRO B 155 -4.81 9.74 1.99
CA PRO B 155 -5.43 8.60 2.68
C PRO B 155 -6.59 8.99 3.57
N VAL B 156 -7.28 7.98 4.11
CA VAL B 156 -8.13 8.12 5.29
C VAL B 156 -7.53 7.22 6.36
N THR B 157 -7.88 7.50 7.60
CA THR B 157 -7.47 6.65 8.72
C THR B 157 -8.72 6.18 9.44
N VAL B 158 -8.81 4.86 9.64
CA VAL B 158 -9.99 4.24 10.23
C VAL B 158 -9.59 3.62 11.55
N THR B 159 -10.35 3.92 12.60
CA THR B 159 -10.18 3.25 13.88
C THR B 159 -11.54 2.81 14.41
N TRP B 160 -11.51 1.92 15.41
CA TRP B 160 -12.71 1.34 15.99
C TRP B 160 -12.75 1.58 17.50
N ASN B 161 -13.84 2.16 17.99
CA ASN B 161 -13.97 2.54 19.39
C ASN B 161 -12.76 3.36 19.82
N SER B 162 -12.42 4.34 18.97
CA SER B 162 -11.34 5.29 19.22
C SER B 162 -10.00 4.60 19.42
N GLY B 163 -9.77 3.50 18.73
CA GLY B 163 -8.52 2.77 18.84
C GLY B 163 -8.49 1.69 19.92
N SER B 164 -9.51 1.61 20.77
CA SER B 164 -9.54 0.60 21.81
C SER B 164 -9.95 -0.79 21.31
N LEU B 165 -10.58 -0.89 20.15
CA LEU B 165 -10.68 -2.16 19.44
C LEU B 165 -9.58 -2.13 18.39
N SER B 166 -8.43 -2.73 18.68
CA SER B 166 -7.34 -2.75 17.71
C SER B 166 -7.03 -4.14 17.16
N SER B 167 -7.20 -5.18 17.96
CA SER B 167 -7.07 -6.52 17.44
C SER B 167 -8.35 -6.92 16.70
N GLY B 168 -8.21 -7.85 15.77
CA GLY B 168 -9.36 -8.25 14.98
C GLY B 168 -9.82 -7.24 13.95
N VAL B 169 -8.95 -6.31 13.52
CA VAL B 169 -9.30 -5.27 12.56
C VAL B 169 -8.54 -5.51 11.25
N HIS B 170 -9.26 -5.42 10.14
CA HIS B 170 -8.64 -5.41 8.80
C HIS B 170 -9.19 -4.20 8.07
N THR B 171 -8.32 -3.27 7.71
CA THR B 171 -8.70 -2.13 6.87
C THR B 171 -8.07 -2.35 5.50
N PHE B 172 -8.88 -2.39 4.48
CA PHE B 172 -8.41 -2.86 3.19
C PHE B 172 -7.86 -1.70 2.36
N PRO B 173 -6.88 -1.97 1.50
CA PRO B 173 -6.35 -0.90 0.63
C PRO B 173 -7.45 -0.32 -0.24
N ALA B 174 -7.40 1.01 -0.39
CA ALA B 174 -8.42 1.72 -1.13
C ALA B 174 -8.28 1.48 -2.63
N VAL B 175 -9.41 1.53 -3.33
CA VAL B 175 -9.44 1.39 -4.78
C VAL B 175 -10.22 2.56 -5.38
N LEU B 176 -9.82 2.94 -6.60
CA LEU B 176 -10.53 3.95 -7.38
C LEU B 176 -11.82 3.38 -7.97
N GLN B 177 -12.91 4.13 -7.82
CA GLN B 177 -14.23 3.73 -8.29
C GLN B 177 -14.94 5.01 -8.70
N SER B 178 -15.19 5.17 -10.01
CA SER B 178 -15.62 6.45 -10.57
C SER B 178 -14.62 7.57 -10.23
N ASP B 179 -13.33 7.21 -10.23
CA ASP B 179 -12.20 8.11 -10.01
C ASP B 179 -12.17 8.74 -8.62
N LEU B 180 -12.90 8.16 -7.66
CA LEU B 180 -12.81 8.49 -6.25
C LEU B 180 -12.45 7.22 -5.49
N TYR B 181 -11.88 7.38 -4.29
CA TYR B 181 -11.40 6.23 -3.54
C TYR B 181 -12.50 5.63 -2.66
N THR B 182 -12.45 4.30 -2.52
CA THR B 182 -13.36 3.55 -1.65
C THR B 182 -12.59 2.47 -0.92
N LEU B 183 -12.85 2.32 0.38
CA LEU B 183 -12.34 1.18 1.12
C LEU B 183 -13.38 0.75 2.14
N SER B 184 -13.19 -0.46 2.64
CA SER B 184 -13.96 -0.98 3.76
C SER B 184 -12.99 -1.44 4.85
N SER B 185 -13.51 -1.48 6.07
CA SER B 185 -12.81 -1.93 7.25
C SER B 185 -13.73 -2.90 7.99
N SER B 186 -13.18 -4.03 8.44
CA SER B 186 -13.93 -4.96 9.24
C SER B 186 -13.36 -5.05 10.65
N VAL B 187 -14.24 -5.32 11.62
CA VAL B 187 -13.84 -5.62 12.99
C VAL B 187 -14.63 -6.85 13.47
N THR B 188 -13.98 -7.72 14.24
CA THR B 188 -14.62 -8.90 14.79
C THR B 188 -14.55 -8.88 16.31
N VAL B 189 -15.69 -9.05 16.96
CA VAL B 189 -15.82 -8.99 18.41
C VAL B 189 -16.60 -10.21 18.88
N PRO B 190 -16.51 -10.55 20.17
CA PRO B 190 -17.36 -11.65 20.67
C PRO B 190 -18.84 -11.31 20.50
N SER B 191 -19.62 -12.29 20.03
CA SER B 191 -21.01 -11.99 19.73
C SER B 191 -21.82 -11.66 20.97
N SER B 192 -21.34 -12.06 22.16
CA SER B 192 -22.00 -11.70 23.41
C SER B 192 -21.87 -10.22 23.73
N THR B 193 -20.92 -9.51 23.09
CA THR B 193 -20.65 -8.11 23.41
C THR B 193 -21.36 -7.13 22.49
N TRP B 194 -22.06 -7.60 21.46
CA TRP B 194 -22.74 -6.69 20.54
C TRP B 194 -24.16 -7.18 20.32
N PRO B 195 -25.18 -6.29 20.41
CA PRO B 195 -25.03 -4.84 20.61
C PRO B 195 -24.98 -4.34 22.06
N SER B 196 -24.82 -5.19 23.07
CA SER B 196 -24.78 -4.73 24.44
CA SER B 196 -24.78 -4.73 24.45
C SER B 196 -23.68 -3.70 24.67
N GLU B 197 -22.58 -3.81 23.94
CA GLU B 197 -21.49 -2.84 24.00
C GLU B 197 -21.39 -2.16 22.64
N THR B 198 -21.33 -0.83 22.63
CA THR B 198 -21.36 -0.10 21.36
C THR B 198 -20.07 -0.33 20.57
N VAL B 199 -20.22 -0.35 19.25
CA VAL B 199 -19.09 -0.46 18.33
C VAL B 199 -19.21 0.67 17.32
N THR B 200 -18.15 1.47 17.21
CA THR B 200 -18.18 2.68 16.39
C THR B 200 -16.92 2.77 15.56
N CYS B 201 -17.07 3.06 14.27
CA CYS B 201 -15.90 3.28 13.44
C CYS B 201 -15.63 4.78 13.33
N ASN B 202 -14.35 5.14 13.42
CA ASN B 202 -13.90 6.53 13.40
C ASN B 202 -13.14 6.74 12.11
N VAL B 203 -13.62 7.65 11.27
CA VAL B 203 -13.04 7.89 9.96
C VAL B 203 -12.53 9.33 9.91
N ALA B 204 -11.26 9.48 9.59
CA ALA B 204 -10.65 10.79 9.45
C ALA B 204 -10.11 10.96 8.04
N HIS B 205 -10.47 12.08 7.40
CA HIS B 205 -9.89 12.44 6.11
C HIS B 205 -9.18 13.78 6.29
N PRO B 206 -7.86 13.78 6.45
CA PRO B 206 -7.15 15.05 6.72
C PRO B 206 -7.31 16.09 5.62
N ALA B 207 -7.12 15.69 4.35
CA ALA B 207 -7.15 16.64 3.23
C ALA B 207 -8.43 17.47 3.21
N SER B 208 -9.57 16.92 3.62
CA SER B 208 -10.82 17.66 3.66
C SER B 208 -11.15 18.19 5.05
N SER B 209 -10.27 17.97 6.02
CA SER B 209 -10.51 18.28 7.43
C SER B 209 -11.87 17.77 7.89
N THR B 210 -12.13 16.49 7.62
CA THR B 210 -13.40 15.87 7.97
C THR B 210 -13.14 14.72 8.93
N LYS B 211 -14.03 14.59 9.91
CA LYS B 211 -13.96 13.51 10.89
C LYS B 211 -15.39 13.10 11.22
N VAL B 212 -15.69 11.81 11.12
CA VAL B 212 -17.04 11.30 11.33
C VAL B 212 -16.98 9.99 12.12
N ASP B 213 -17.98 9.78 12.95
CA ASP B 213 -18.19 8.54 13.70
C ASP B 213 -19.48 7.90 13.21
N LYS B 214 -19.45 6.59 12.95
CA LYS B 214 -20.65 5.84 12.59
C LYS B 214 -20.80 4.70 13.59
N LYS B 215 -21.80 4.82 14.45
CA LYS B 215 -22.19 3.71 15.31
C LYS B 215 -22.75 2.58 14.46
N ILE B 216 -22.29 1.36 14.71
CA ILE B 216 -22.87 0.17 14.08
C ILE B 216 -24.09 -0.24 14.90
N VAL B 217 -25.28 -0.05 14.34
CA VAL B 217 -26.49 -0.40 15.09
C VAL B 217 -27.26 -1.50 14.35
N PRO B 218 -27.85 -2.45 15.07
CA PRO B 218 -28.69 -3.46 14.39
C PRO B 218 -29.76 -2.79 13.54
N ARG B 219 -30.00 -3.34 12.36
CA ARG B 219 -30.94 -2.71 11.45
C ARG B 219 -32.36 -2.90 11.96
N ASP B 220 -33.22 -1.94 11.65
CA ASP B 220 -34.65 -2.05 11.97
C ASP B 220 -35.31 -2.80 10.82
N CYS B 221 -35.66 -4.06 11.06
CA CYS B 221 -36.15 -4.96 10.01
C CYS B 221 -37.64 -4.82 9.77
#